data_6IN2
#
_entry.id   6IN2
#
_cell.length_a   27.926
_cell.length_b   59.641
_cell.length_c   35.831
_cell.angle_alpha   90.00
_cell.angle_beta   106.60
_cell.angle_gamma   90.00
#
_symmetry.space_group_name_H-M   'P 1 21 1'
#
loop_
_entity.id
_entity.type
_entity.pdbx_description
1 polymer 'Bromodomain-containing protein 1'
2 non-polymer 'ACETATE ION'
3 non-polymer 1,4,7,10,13,16-HEXAOXACYCLOOCTADECANE
4 water water
#
_entity_poly.entity_id   1
_entity_poly.type   'polypeptide(L)'
_entity_poly.pdbx_seq_one_letter_code
;HRLTPLTVLLRSVLDQLQDKDPARIFAQPVSLKEVPDYLDHIKHPMDFATMRKRLEAQGYKNLHEFEEDFDLIIDNCMKY
NARDTVFYRAAVRLRDQGGVVLRQARREVDSIGLEEASGLEHHHHHH
;
_entity_poly.pdbx_strand_id   A
#
# COMPACT_ATOMS: atom_id res chain seq x y z
N THR A 4 -16.26 -5.49 9.07
CA THR A 4 -16.09 -4.42 10.06
C THR A 4 -15.71 -3.09 9.42
N PRO A 5 -15.95 -1.99 10.13
CA PRO A 5 -15.52 -0.67 9.62
C PRO A 5 -14.04 -0.57 9.33
N LEU A 6 -13.18 -1.21 10.12
CA LEU A 6 -11.76 -1.07 9.85
C LEU A 6 -11.39 -1.79 8.55
N THR A 7 -11.93 -2.99 8.34
CA THR A 7 -11.67 -3.71 7.10
C THR A 7 -12.17 -2.91 5.90
N VAL A 8 -13.34 -2.27 6.05
CA VAL A 8 -13.90 -1.47 4.97
C VAL A 8 -12.99 -0.30 4.64
N LEU A 9 -12.53 0.42 5.66
CA LEU A 9 -11.61 1.53 5.42
C LEU A 9 -10.33 1.05 4.71
N LEU A 10 -9.70 0.02 5.27
CA LEU A 10 -8.44 -0.47 4.71
C LEU A 10 -8.63 -1.04 3.31
N ARG A 11 -9.78 -1.68 3.06
CA ARG A 11 -10.04 -2.18 1.71
C ARG A 11 -10.10 -1.03 0.71
N SER A 12 -10.84 0.04 1.05
CA SER A 12 -10.92 1.19 0.15
CA SER A 12 -10.92 1.19 0.15
C SER A 12 -9.54 1.80 -0.06
N VAL A 13 -8.77 1.96 1.01
CA VAL A 13 -7.44 2.54 0.90
C VAL A 13 -6.55 1.67 0.01
N LEU A 14 -6.55 0.36 0.25
CA LEU A 14 -5.71 -0.53 -0.56
C LEU A 14 -6.10 -0.47 -2.03
N ASP A 15 -7.41 -0.42 -2.32
CA ASP A 15 -7.83 -0.30 -3.71
C ASP A 15 -7.26 0.97 -4.33
N GLN A 16 -7.30 2.09 -3.61
CA GLN A 16 -6.77 3.33 -4.16
C GLN A 16 -5.24 3.25 -4.31
N LEU A 17 -4.57 2.62 -3.36
CA LEU A 17 -3.12 2.49 -3.47
C LEU A 17 -2.75 1.67 -4.71
N GLN A 18 -3.52 0.62 -4.98
CA GLN A 18 -3.24 -0.19 -6.17
C GLN A 18 -3.51 0.60 -7.44
N ASP A 19 -4.48 1.52 -7.42
CA ASP A 19 -4.69 2.36 -8.59
CA ASP A 19 -4.71 2.38 -8.58
C ASP A 19 -3.49 3.24 -8.90
N LYS A 20 -2.60 3.44 -7.92
CA LYS A 20 -1.35 4.15 -8.15
C LYS A 20 -0.29 3.22 -8.72
N ASP A 21 -0.65 1.96 -8.96
CA ASP A 21 0.25 0.97 -9.55
C ASP A 21 -0.48 0.37 -10.75
N PRO A 22 -0.70 1.15 -11.81
CA PRO A 22 -1.54 0.65 -12.90
C PRO A 22 -0.91 -0.47 -13.69
N ALA A 23 0.42 -0.56 -13.73
CA ALA A 23 1.07 -1.66 -14.44
C ALA A 23 1.26 -2.89 -13.56
N ARG A 24 0.75 -2.89 -12.33
CA ARG A 24 0.79 -4.07 -11.46
C ARG A 24 2.22 -4.47 -11.08
N ILE A 25 3.14 -3.51 -11.07
CA ILE A 25 4.52 -3.82 -10.69
C ILE A 25 4.59 -4.37 -9.27
N PHE A 26 3.70 -3.92 -8.38
CA PHE A 26 3.74 -4.31 -6.98
C PHE A 26 2.58 -5.21 -6.58
N ALA A 27 1.86 -5.77 -7.56
CA ALA A 27 0.62 -6.50 -7.29
C ALA A 27 0.83 -7.89 -6.74
N GLN A 28 2.00 -8.50 -6.97
CA GLN A 28 2.29 -9.88 -6.58
C GLN A 28 3.72 -9.94 -6.09
N PRO A 29 4.07 -10.96 -5.30
CA PRO A 29 5.46 -11.10 -4.84
C PRO A 29 6.45 -11.11 -5.99
N VAL A 30 7.61 -10.51 -5.75
CA VAL A 30 8.75 -10.66 -6.66
C VAL A 30 9.12 -12.14 -6.74
N SER A 31 9.37 -12.62 -7.95
CA SER A 31 9.63 -14.04 -8.16
C SER A 31 11.13 -14.30 -8.13
N LEU A 32 11.55 -15.22 -7.27
CA LEU A 32 12.97 -15.58 -7.24
C LEU A 32 13.42 -16.25 -8.53
N LYS A 33 12.50 -16.84 -9.28
CA LYS A 33 12.87 -17.37 -10.58
C LYS A 33 13.33 -16.26 -11.52
N GLU A 34 12.65 -15.12 -11.50
CA GLU A 34 13.03 -13.99 -12.34
C GLU A 34 14.10 -13.12 -11.70
N VAL A 35 14.17 -13.11 -10.38
CA VAL A 35 15.10 -12.27 -9.63
C VAL A 35 15.77 -13.18 -8.61
N PRO A 36 16.76 -13.97 -9.03
CA PRO A 36 17.33 -14.99 -8.12
C PRO A 36 18.08 -14.43 -6.95
N ASP A 37 18.60 -13.20 -7.04
CA ASP A 37 19.38 -12.62 -5.96
C ASP A 37 18.56 -11.72 -5.05
N TYR A 38 17.23 -11.72 -5.20
CA TYR A 38 16.40 -10.77 -4.46
C TYR A 38 16.62 -10.88 -2.95
N LEU A 39 16.55 -12.10 -2.42
CA LEU A 39 16.64 -12.24 -0.97
C LEU A 39 18.04 -12.01 -0.42
N ASP A 40 19.05 -11.88 -1.29
CA ASP A 40 20.36 -11.42 -0.83
C ASP A 40 20.32 -9.97 -0.37
N HIS A 41 19.34 -9.20 -0.82
CA HIS A 41 19.23 -7.80 -0.46
C HIS A 41 17.98 -7.46 0.34
N ILE A 42 16.90 -8.22 0.16
CA ILE A 42 15.60 -7.91 0.75
C ILE A 42 15.26 -9.05 1.71
N LYS A 43 15.07 -8.71 2.98
CA LYS A 43 14.76 -9.70 4.00
C LYS A 43 13.27 -9.85 4.27
N HIS A 44 12.46 -8.83 3.99
CA HIS A 44 11.04 -8.84 4.33
C HIS A 44 10.23 -8.42 3.10
N PRO A 45 10.14 -9.30 2.10
CA PRO A 45 9.39 -8.95 0.89
C PRO A 45 7.94 -8.64 1.20
N MET A 46 7.36 -7.75 0.40
CA MET A 46 5.96 -7.36 0.57
C MET A 46 5.40 -6.99 -0.79
N ASP A 47 4.09 -7.20 -0.93
CA ASP A 47 3.39 -6.92 -2.19
C ASP A 47 1.93 -6.70 -1.87
N PHE A 48 1.19 -6.18 -2.85
CA PHE A 48 -0.21 -5.83 -2.64
C PHE A 48 -1.09 -7.05 -2.39
N ALA A 49 -0.78 -8.18 -3.03
CA ALA A 49 -1.62 -9.36 -2.85
C ALA A 49 -1.46 -9.93 -1.46
N THR A 50 -0.22 -9.90 -0.94
CA THR A 50 0.01 -10.31 0.44
C THR A 50 -0.68 -9.39 1.44
N MET A 51 -0.66 -8.08 1.19
CA MET A 51 -1.41 -7.17 2.07
C MET A 51 -2.90 -7.45 1.96
N ARG A 52 -3.36 -7.80 0.77
CA ARG A 52 -4.77 -8.14 0.58
C ARG A 52 -5.16 -9.33 1.45
N LYS A 53 -4.36 -10.40 1.43
CA LYS A 53 -4.65 -11.58 2.25
C LYS A 53 -4.70 -11.21 3.72
N ARG A 54 -3.71 -10.45 4.20
CA ARG A 54 -3.69 -10.07 5.60
C ARG A 54 -4.93 -9.27 5.95
N LEU A 55 -5.36 -8.41 5.04
CA LEU A 55 -6.58 -7.63 5.24
C LEU A 55 -7.79 -8.54 5.37
N GLU A 56 -8.00 -9.42 4.38
CA GLU A 56 -9.15 -10.32 4.39
C GLU A 56 -9.31 -11.04 5.73
N ALA A 57 -8.20 -11.35 6.40
CA ALA A 57 -8.23 -12.07 7.65
C ALA A 57 -8.23 -11.15 8.87
N GLN A 58 -8.46 -9.86 8.68
CA GLN A 58 -8.47 -8.89 9.80
C GLN A 58 -7.12 -8.82 10.50
N GLY A 59 -6.04 -8.95 9.73
CA GLY A 59 -4.71 -9.02 10.28
C GLY A 59 -4.03 -7.70 10.59
N TYR A 60 -4.66 -6.58 10.28
CA TYR A 60 -4.12 -5.27 10.59
C TYR A 60 -4.87 -4.72 11.80
N LYS A 61 -4.12 -4.39 12.86
CA LYS A 61 -4.77 -3.84 14.05
C LYS A 61 -5.28 -2.43 13.81
N ASN A 62 -4.58 -1.66 12.98
CA ASN A 62 -4.94 -0.26 12.76
C ASN A 62 -4.30 0.19 11.45
N LEU A 63 -4.41 1.49 11.16
CA LEU A 63 -3.84 2.00 9.92
C LEU A 63 -2.31 1.98 9.96
N HIS A 64 -1.72 2.09 11.15
CA HIS A 64 -0.26 2.17 11.23
C HIS A 64 0.39 0.87 10.77
N GLU A 65 -0.12 -0.27 11.22
CA GLU A 65 0.44 -1.55 10.75
C GLU A 65 0.27 -1.70 9.25
N PHE A 66 -0.81 -1.18 8.69
CA PHE A 66 -1.04 -1.23 7.25
C PHE A 66 -0.04 -0.37 6.50
N GLU A 67 0.24 0.82 7.03
CA GLU A 67 1.27 1.68 6.44
C GLU A 67 2.63 1.01 6.45
N GLU A 68 2.95 0.27 7.52
CA GLU A 68 4.25 -0.40 7.62
C GLU A 68 4.44 -1.40 6.46
N ASP A 69 3.38 -2.12 6.11
CA ASP A 69 3.48 -3.05 4.98
C ASP A 69 3.63 -2.30 3.66
N PHE A 70 2.88 -1.21 3.49
CA PHE A 70 3.03 -0.38 2.30
C PHE A 70 4.46 0.15 2.20
N ASP A 71 5.04 0.58 3.34
CA ASP A 71 6.41 1.04 3.33
C ASP A 71 7.39 -0.05 2.92
N LEU A 72 7.12 -1.31 3.29
CA LEU A 72 7.99 -2.40 2.87
C LEU A 72 8.03 -2.50 1.35
N ILE A 73 6.86 -2.46 0.72
CA ILE A 73 6.78 -2.52 -0.74
C ILE A 73 7.64 -1.43 -1.36
N ILE A 74 7.51 -0.21 -0.84
CA ILE A 74 8.24 0.93 -1.40
C ILE A 74 9.73 0.78 -1.13
N ASP A 75 10.09 0.61 0.14
CA ASP A 75 11.49 0.66 0.53
C ASP A 75 12.28 -0.48 -0.09
N ASN A 76 11.67 -1.66 -0.15
CA ASN A 76 12.33 -2.82 -0.75
C ASN A 76 12.68 -2.55 -2.20
N CYS A 77 11.74 -1.95 -2.94
CA CYS A 77 11.96 -1.66 -4.35
C CYS A 77 13.06 -0.64 -4.55
N MET A 78 13.06 0.43 -3.75
CA MET A 78 14.12 1.41 -3.86
C MET A 78 15.46 0.90 -3.35
N LYS A 79 15.46 -0.16 -2.53
CA LYS A 79 16.71 -0.76 -2.11
C LYS A 79 17.26 -1.67 -3.19
N TYR A 80 16.42 -2.57 -3.71
CA TYR A 80 16.92 -3.60 -4.62
C TYR A 80 17.28 -3.01 -5.99
N ASN A 81 16.44 -2.14 -6.51
CA ASN A 81 16.54 -1.68 -7.88
C ASN A 81 17.34 -0.39 -7.94
N ALA A 82 18.24 -0.30 -8.92
CA ALA A 82 19.01 0.92 -9.10
C ALA A 82 18.09 2.09 -9.46
N ARG A 83 18.60 3.31 -9.28
CA ARG A 83 17.78 4.50 -9.45
C ARG A 83 17.22 4.59 -10.87
N ASP A 84 18.04 4.26 -11.87
CA ASP A 84 17.66 4.45 -13.28
C ASP A 84 17.02 3.15 -13.80
N THR A 85 15.87 2.84 -13.23
CA THR A 85 15.11 1.64 -13.61
C THR A 85 13.64 1.98 -13.61
N VAL A 86 12.87 1.16 -14.34
CA VAL A 86 11.42 1.33 -14.35
C VAL A 86 10.82 0.99 -13.00
N PHE A 87 11.41 0.05 -12.27
CA PHE A 87 10.88 -0.33 -10.96
C PHE A 87 11.07 0.77 -9.93
N TYR A 88 12.25 1.39 -9.91
CA TYR A 88 12.52 2.46 -8.96
C TYR A 88 11.59 3.65 -9.20
N ARG A 89 11.42 4.04 -10.46
CA ARG A 89 10.55 5.19 -10.75
C ARG A 89 9.11 4.90 -10.36
N ALA A 90 8.63 3.68 -10.63
CA ALA A 90 7.28 3.30 -10.23
C ALA A 90 7.12 3.31 -8.70
N ALA A 91 8.16 2.89 -7.98
CA ALA A 91 8.11 2.96 -6.52
C ALA A 91 8.02 4.42 -6.06
N VAL A 92 8.72 5.33 -6.72
CA VAL A 92 8.68 6.73 -6.30
C VAL A 92 7.28 7.31 -6.51
N ARG A 93 6.65 7.00 -7.65
CA ARG A 93 5.29 7.48 -7.89
C ARG A 93 4.31 6.90 -6.90
N LEU A 94 4.45 5.61 -6.59
CA LEU A 94 3.57 4.97 -5.61
C LEU A 94 3.78 5.52 -4.21
N ARG A 95 5.05 5.74 -3.82
CA ARG A 95 5.33 6.40 -2.53
C ARG A 95 4.65 7.77 -2.46
N ASP A 96 4.83 8.58 -3.50
CA ASP A 96 4.37 9.97 -3.40
C ASP A 96 2.86 10.05 -3.50
N GLN A 97 2.29 9.37 -4.51
CA GLN A 97 0.85 9.40 -4.72
C GLN A 97 0.11 8.66 -3.61
N GLY A 98 0.63 7.50 -3.20
CA GLY A 98 -0.01 6.77 -2.12
C GLY A 98 0.12 7.46 -0.77
N GLY A 99 1.23 8.19 -0.54
CA GLY A 99 1.36 8.93 0.69
C GLY A 99 0.25 9.94 0.89
N VAL A 100 -0.16 10.61 -0.19
CA VAL A 100 -1.31 11.51 -0.12
C VAL A 100 -2.55 10.77 0.37
N VAL A 101 -2.82 9.60 -0.23
CA VAL A 101 -3.97 8.80 0.17
C VAL A 101 -3.90 8.45 1.65
N LEU A 102 -2.74 7.96 2.09
CA LEU A 102 -2.59 7.51 3.47
C LEU A 102 -2.72 8.66 4.47
N ARG A 103 -2.14 9.82 4.16
CA ARG A 103 -2.22 10.92 5.12
C ARG A 103 -3.64 11.46 5.22
N GLN A 104 -4.39 11.41 4.12
CA GLN A 104 -5.78 11.86 4.15
C GLN A 104 -6.65 10.85 4.91
N ALA A 105 -6.35 9.57 4.79
CA ALA A 105 -7.11 8.55 5.52
C ALA A 105 -6.88 8.66 7.03
N ARG A 106 -5.61 8.77 7.45
CA ARG A 106 -5.33 9.01 8.86
C ARG A 106 -6.01 10.29 9.36
N ARG A 107 -5.90 11.36 8.59
CA ARG A 107 -6.55 12.62 8.97
C ARG A 107 -8.05 12.43 9.19
N GLU A 108 -8.72 11.67 8.32
CA GLU A 108 -10.16 11.48 8.47
C GLU A 108 -10.49 10.63 9.68
N VAL A 109 -9.75 9.56 9.90
CA VAL A 109 -10.04 8.68 11.05
C VAL A 109 -9.93 9.47 12.34
N ASP A 110 -8.85 10.26 12.48
CA ASP A 110 -8.61 10.99 13.72
C ASP A 110 -9.65 12.09 13.95
N SER A 111 -10.13 12.72 12.89
CA SER A 111 -10.99 13.89 13.02
CA SER A 111 -10.99 13.89 13.06
C SER A 111 -12.48 13.56 13.11
N ILE A 112 -12.96 12.65 12.26
CA ILE A 112 -14.39 12.38 12.20
C ILE A 112 -14.76 10.95 12.60
N GLY A 113 -13.78 10.12 12.94
CA GLY A 113 -14.08 8.78 13.40
C GLY A 113 -13.92 7.74 12.29
N LEU A 114 -13.82 6.48 12.71
CA LEU A 114 -13.51 5.40 11.77
C LEU A 114 -14.67 5.13 10.82
N GLU A 115 -15.90 5.08 11.35
CA GLU A 115 -17.06 4.83 10.50
C GLU A 115 -17.24 5.93 9.47
N GLU A 116 -17.23 7.18 9.92
CA GLU A 116 -17.35 8.30 8.99
C GLU A 116 -16.20 8.35 8.00
N ALA A 117 -15.00 7.94 8.42
CA ALA A 117 -13.88 7.91 7.48
C ALA A 117 -14.06 6.80 6.46
N SER A 118 -14.51 5.62 6.90
CA SER A 118 -14.79 4.54 5.94
C SER A 118 -15.86 4.97 4.95
N GLY A 119 -16.87 5.72 5.41
CA GLY A 119 -17.86 6.24 4.49
C GLY A 119 -17.27 7.22 3.50
N LEU A 120 -16.41 8.13 3.98
CA LEU A 120 -15.80 9.11 3.08
C LEU A 120 -14.85 8.45 2.09
N GLU A 121 -14.09 7.44 2.55
CA GLU A 121 -13.13 6.79 1.67
C GLU A 121 -13.79 5.95 0.59
N HIS A 122 -15.02 5.48 0.82
CA HIS A 122 -15.69 4.67 -0.18
C HIS A 122 -16.07 5.49 -1.40
N HIS A 123 -16.28 6.80 -1.24
CA HIS A 123 -16.57 7.68 -2.37
C HIS A 123 -16.24 9.10 -1.94
N HIS A 124 -15.06 9.58 -2.30
CA HIS A 124 -14.70 10.97 -2.11
C HIS A 124 -15.41 11.83 -3.17
N HIS A 125 -15.72 13.07 -2.80
CA HIS A 125 -16.23 14.02 -3.78
C HIS A 125 -15.14 14.86 -4.42
N HIS A 126 -13.93 14.83 -3.89
CA HIS A 126 -12.81 15.53 -4.50
C HIS A 126 -11.51 14.95 -3.95
N HIS A 127 -10.40 15.41 -4.52
CA HIS A 127 -9.09 14.95 -4.13
C HIS A 127 -8.20 16.16 -3.88
#